data_8ICD
#
_entry.id   8ICD
#
_cell.length_a   105.100
_cell.length_b   105.100
_cell.length_c   150.300
_cell.angle_alpha   90.00
_cell.angle_beta   90.00
_cell.angle_gamma   90.00
#
_symmetry.space_group_name_H-M   'P 43 21 2'
#
loop_
_entity.id
_entity.type
_entity.pdbx_description
1 polymer 'ISOCITRATE DEHYDROGENASE'
2 non-polymer 'MAGNESIUM ION'
3 non-polymer 'ISOCITRIC ACID'
4 water water
#
_entity_poly.entity_id   1
_entity_poly.type   'polypeptide(L)'
_entity_poly.pdbx_seq_one_letter_code
;MESKVVVPAQGKKITLQNGKLNVPENPIIPYIEGDGIGVDVTPAMLKVVDAAVEKAYKGERKISWMEIYTGEKSTQVYGQ
DVWLPAETLDLIREYRVAIKGPLTTPVGGGIRELNVALRQELDLYICLRPVRYYQGTPSPVKHPELTDMVIFRENSEDIY
AGIEWKADSADAEKVIKFLREEMGVKKIRFPEHCGIGIKPCSEEGTKRLVRAAIEYAIANDRDSVTLVHKGNIMKFTEGA
FKDWGYQLAREEFGGELIDGGPWLKVKNPNTGKEIVIKDVIADAFLQQILLRPAEYDVIACMNLNGDYISDALAAQVGGI
GIAPGANIGDECALFEATHGTAPKYAGQDKVNPGSIILSAEMMLRHMGWTEAADLIVKGMEGAINAKTVTYDFERLMDGA
KLLKCSEFGDAIIENM
;
_entity_poly.pdbx_strand_id   A
#
loop_
_chem_comp.id
_chem_comp.type
_chem_comp.name
_chem_comp.formula
ICT non-polymer 'ISOCITRIC ACID' 'C6 H8 O7'
MG non-polymer 'MAGNESIUM ION' 'Mg 2'
#
# COMPACT_ATOMS: atom_id res chain seq x y z
N SER A 3 16.48 19.38 -11.22
CA SER A 3 17.43 19.75 -12.23
C SER A 3 16.88 19.30 -13.58
N LYS A 4 15.92 18.38 -13.64
CA LYS A 4 15.15 18.28 -14.88
C LYS A 4 13.67 18.38 -14.56
N VAL A 5 13.42 18.65 -13.25
CA VAL A 5 12.07 18.82 -12.77
C VAL A 5 11.70 20.31 -12.76
N VAL A 6 10.61 20.60 -13.47
CA VAL A 6 10.13 21.94 -13.68
C VAL A 6 9.07 22.18 -12.62
N VAL A 7 9.44 22.86 -11.52
CA VAL A 7 8.48 23.09 -10.43
C VAL A 7 7.47 24.23 -10.64
N PRO A 8 6.15 23.94 -10.59
CA PRO A 8 5.02 24.80 -11.02
C PRO A 8 5.14 26.25 -10.60
N ALA A 9 4.90 27.15 -11.57
CA ALA A 9 5.01 28.59 -11.30
C ALA A 9 3.99 29.04 -10.26
N GLN A 10 2.74 28.57 -10.42
CA GLN A 10 1.68 28.78 -9.43
C GLN A 10 1.67 27.55 -8.52
N GLY A 11 1.32 27.69 -7.26
CA GLY A 11 1.42 26.51 -6.42
C GLY A 11 2.34 26.72 -5.22
N LYS A 12 2.05 25.96 -4.16
CA LYS A 12 2.63 26.18 -2.86
C LYS A 12 2.78 24.87 -2.10
N LYS A 13 3.92 24.69 -1.48
CA LYS A 13 4.25 23.49 -0.66
C LYS A 13 3.38 23.16 0.52
N ILE A 14 2.98 21.89 0.58
CA ILE A 14 2.34 21.35 1.76
C ILE A 14 3.37 21.37 2.92
N THR A 15 2.87 21.70 4.08
CA THR A 15 3.68 21.90 5.23
C THR A 15 3.33 20.93 6.35
N LEU A 16 4.33 20.55 7.11
CA LEU A 16 4.10 19.63 8.20
C LEU A 16 4.36 20.46 9.42
N GLN A 17 3.26 20.92 10.00
CA GLN A 17 3.36 21.76 11.18
C GLN A 17 3.00 20.89 12.36
N ASN A 18 4.07 20.15 12.72
CA ASN A 18 4.11 19.23 13.84
C ASN A 18 2.97 18.21 13.92
N GLY A 19 3.21 17.14 13.14
CA GLY A 19 2.29 16.03 13.00
C GLY A 19 1.16 16.29 12.02
N LYS A 20 0.65 17.54 11.97
CA LYS A 20 -0.51 17.89 11.17
C LYS A 20 -0.11 18.46 9.81
N LEU A 21 -0.77 18.03 8.72
CA LEU A 21 -0.43 18.63 7.44
C LEU A 21 -1.18 19.93 7.29
N ASN A 22 -0.47 20.94 6.80
CA ASN A 22 -1.06 22.20 6.49
C ASN A 22 -1.08 22.19 4.97
N VAL A 23 -2.27 21.99 4.42
CA VAL A 23 -2.42 21.86 2.97
C VAL A 23 -2.87 23.21 2.44
N PRO A 24 -2.17 23.88 1.52
CA PRO A 24 -2.70 25.08 0.88
C PRO A 24 -3.82 24.76 -0.13
N GLU A 25 -4.49 25.79 -0.68
CA GLU A 25 -5.56 25.56 -1.65
C GLU A 25 -4.97 25.27 -3.00
N ASN A 26 -3.75 25.73 -3.32
CA ASN A 26 -3.09 25.28 -4.54
C ASN A 26 -1.77 24.57 -4.14
N PRO A 27 -1.77 23.29 -3.67
CA PRO A 27 -0.55 22.53 -3.42
C PRO A 27 0.08 21.86 -4.64
N ILE A 28 1.40 21.79 -4.47
CA ILE A 28 2.19 21.13 -5.48
C ILE A 28 2.20 19.64 -5.16
N ILE A 29 1.71 18.76 -6.06
CA ILE A 29 1.82 17.34 -5.76
C ILE A 29 2.72 16.78 -6.84
N PRO A 30 3.89 16.25 -6.43
CA PRO A 30 4.69 15.31 -7.22
C PRO A 30 3.93 14.03 -7.59
N TYR A 31 4.14 13.69 -8.86
CA TYR A 31 3.61 12.47 -9.39
C TYR A 31 4.67 11.75 -10.19
N ILE A 32 4.77 10.43 -10.13
CA ILE A 32 5.70 9.72 -10.99
C ILE A 32 4.74 9.00 -11.87
N GLU A 33 4.84 9.32 -13.16
CA GLU A 33 4.02 8.68 -14.16
C GLU A 33 3.96 7.15 -14.15
N GLY A 34 5.12 6.53 -14.02
CA GLY A 34 5.20 5.08 -14.04
C GLY A 34 5.52 4.53 -15.42
N ASP A 35 6.10 3.34 -15.48
CA ASP A 35 6.49 2.77 -16.75
C ASP A 35 5.40 1.89 -17.25
N GLY A 36 5.49 1.29 -18.44
CA GLY A 36 4.40 0.46 -18.95
C GLY A 36 3.12 1.27 -19.11
N ILE A 37 2.01 0.69 -18.68
CA ILE A 37 0.66 1.28 -18.65
C ILE A 37 0.54 2.50 -17.73
N GLY A 38 1.63 2.90 -17.05
CA GLY A 38 1.70 4.13 -16.27
C GLY A 38 1.35 5.32 -17.16
N VAL A 39 1.78 5.23 -18.42
CA VAL A 39 1.50 6.22 -19.45
C VAL A 39 0.01 6.31 -19.84
N ASP A 40 -0.78 5.25 -19.60
CA ASP A 40 -2.23 5.23 -19.78
C ASP A 40 -2.96 5.63 -18.53
N VAL A 41 -2.69 5.03 -17.38
CA VAL A 41 -3.47 5.28 -16.17
C VAL A 41 -3.18 6.58 -15.45
N THR A 42 -1.97 7.12 -15.54
CA THR A 42 -1.69 8.37 -14.84
C THR A 42 -2.40 9.59 -15.46
N PRO A 43 -2.56 9.76 -16.79
CA PRO A 43 -3.43 10.77 -17.39
C PRO A 43 -4.88 10.66 -16.96
N ALA A 44 -5.40 9.44 -16.85
CA ALA A 44 -6.77 9.32 -16.41
C ALA A 44 -6.91 9.75 -14.98
N MET A 45 -5.87 9.54 -14.16
CA MET A 45 -6.00 9.90 -12.78
C MET A 45 -5.90 11.42 -12.65
N LEU A 46 -4.99 12.11 -13.35
CA LEU A 46 -4.87 13.56 -13.22
C LEU A 46 -6.19 14.26 -13.56
N LYS A 47 -6.76 13.72 -14.65
CA LYS A 47 -8.07 14.15 -15.11
C LYS A 47 -9.17 13.90 -14.09
N VAL A 48 -9.40 12.67 -13.52
CA VAL A 48 -10.53 12.57 -12.62
C VAL A 48 -10.25 13.26 -11.31
N VAL A 49 -9.00 13.50 -10.89
CA VAL A 49 -8.77 14.19 -9.62
C VAL A 49 -8.99 15.65 -9.84
N ASP A 50 -8.60 16.21 -11.01
CA ASP A 50 -8.85 17.61 -11.24
C ASP A 50 -10.34 17.86 -11.32
N ALA A 51 -11.08 16.97 -12.01
CA ALA A 51 -12.54 17.08 -12.02
C ALA A 51 -13.20 16.98 -10.65
N ALA A 52 -12.68 16.08 -9.83
CA ALA A 52 -13.20 15.94 -8.49
C ALA A 52 -12.81 17.13 -7.62
N VAL A 53 -11.67 17.88 -7.73
CA VAL A 53 -11.55 18.98 -6.79
C VAL A 53 -12.19 20.22 -7.39
N GLU A 54 -12.37 20.26 -8.72
CA GLU A 54 -13.10 21.33 -9.37
C GLU A 54 -14.54 21.28 -8.91
N LYS A 55 -15.14 20.08 -9.01
CA LYS A 55 -16.51 19.87 -8.61
C LYS A 55 -16.70 20.13 -7.12
N ALA A 56 -15.92 19.48 -6.23
CA ALA A 56 -16.05 19.71 -4.81
C ALA A 56 -15.86 21.12 -4.29
N TYR A 57 -14.83 21.87 -4.68
CA TYR A 57 -14.65 23.16 -4.05
C TYR A 57 -14.96 24.35 -4.96
N LYS A 58 -15.62 24.09 -6.09
CA LYS A 58 -16.16 25.13 -6.94
C LYS A 58 -15.13 26.18 -7.38
N GLY A 59 -13.93 25.68 -7.71
CA GLY A 59 -12.84 26.49 -8.22
C GLY A 59 -11.91 27.03 -7.15
N GLU A 60 -12.30 27.04 -5.87
CA GLU A 60 -11.42 27.52 -4.83
C GLU A 60 -10.08 26.80 -4.73
N ARG A 61 -10.01 25.49 -5.03
CA ARG A 61 -8.78 24.73 -4.94
C ARG A 61 -8.35 24.13 -6.26
N LYS A 62 -7.05 24.01 -6.43
CA LYS A 62 -6.50 23.33 -7.59
C LYS A 62 -5.16 22.71 -7.21
N ILE A 63 -4.86 21.54 -7.78
CA ILE A 63 -3.59 20.87 -7.61
C ILE A 63 -2.70 21.23 -8.78
N SER A 64 -1.52 21.66 -8.34
CA SER A 64 -0.35 21.89 -9.20
C SER A 64 0.51 20.62 -9.27
N TRP A 65 0.36 19.87 -10.34
CA TRP A 65 1.07 18.62 -10.52
C TRP A 65 2.49 18.84 -10.95
N MET A 66 3.45 18.10 -10.37
CA MET A 66 4.85 18.27 -10.67
C MET A 66 5.39 16.89 -10.97
N GLU A 67 5.74 16.61 -12.24
CA GLU A 67 6.36 15.37 -12.62
C GLU A 67 7.78 15.19 -12.15
N ILE A 68 7.96 14.05 -11.45
CA ILE A 68 9.25 13.63 -10.96
C ILE A 68 9.51 12.24 -11.51
N TYR A 69 10.73 11.76 -11.44
CA TYR A 69 11.10 10.57 -12.24
C TYR A 69 11.62 9.36 -11.48
N THR A 70 11.21 8.12 -11.79
CA THR A 70 11.88 6.94 -11.25
C THR A 70 11.66 5.84 -12.26
N GLY A 71 12.50 4.83 -12.27
CA GLY A 71 12.32 3.72 -13.15
C GLY A 71 12.87 4.08 -14.51
N GLU A 72 12.25 3.40 -15.47
CA GLU A 72 12.64 3.52 -16.85
C GLU A 72 12.59 4.93 -17.37
N LYS A 73 11.52 5.70 -17.08
CA LYS A 73 11.44 7.11 -17.53
C LYS A 73 12.65 7.97 -17.07
N SER A 74 13.12 7.72 -15.83
CA SER A 74 14.27 8.39 -15.27
C SER A 74 15.52 8.12 -16.08
N THR A 75 15.65 6.95 -16.73
CA THR A 75 16.88 6.74 -17.47
C THR A 75 16.77 7.45 -18.82
N GLN A 76 15.55 7.66 -19.33
CA GLN A 76 15.36 8.41 -20.53
C GLN A 76 15.45 9.88 -20.29
N VAL A 77 15.57 10.33 -19.06
CA VAL A 77 15.61 11.75 -18.71
C VAL A 77 16.96 12.19 -18.16
N TYR A 78 17.57 11.32 -17.35
CA TYR A 78 18.84 11.62 -16.72
C TYR A 78 20.00 10.75 -17.18
N GLY A 79 19.81 9.79 -18.08
CA GLY A 79 20.92 8.96 -18.52
C GLY A 79 20.69 7.54 -18.10
N GLN A 80 21.10 6.65 -19.02
CA GLN A 80 20.90 5.22 -18.91
C GLN A 80 21.03 4.49 -17.57
N ASP A 81 21.93 4.99 -16.72
CA ASP A 81 22.25 4.39 -15.43
C ASP A 81 21.46 4.89 -14.26
N VAL A 82 20.58 5.89 -14.37
CA VAL A 82 19.89 6.34 -13.17
C VAL A 82 18.38 6.03 -13.24
N TRP A 83 18.14 4.96 -12.48
CA TRP A 83 16.82 4.42 -12.23
C TRP A 83 16.17 5.11 -11.02
N LEU A 84 16.93 5.60 -10.03
CA LEU A 84 16.36 6.37 -8.93
C LEU A 84 17.13 7.67 -8.64
N PRO A 85 16.77 8.79 -9.25
CA PRO A 85 17.36 10.10 -8.97
C PRO A 85 17.32 10.39 -7.47
N ALA A 86 18.44 10.86 -6.94
CA ALA A 86 18.50 11.28 -5.56
C ALA A 86 17.61 12.48 -5.21
N GLU A 87 17.14 13.21 -6.23
CA GLU A 87 16.30 14.34 -5.96
C GLU A 87 14.87 13.87 -5.87
N THR A 88 14.50 12.70 -6.41
CA THR A 88 13.15 12.12 -6.29
C THR A 88 12.82 11.96 -4.81
N LEU A 89 13.81 11.44 -4.07
CA LEU A 89 13.71 11.24 -2.64
C LEU A 89 13.67 12.54 -1.83
N ASP A 90 14.36 13.61 -2.27
CA ASP A 90 14.38 14.91 -1.59
C ASP A 90 13.07 15.65 -1.79
N LEU A 91 12.62 15.69 -3.06
CA LEU A 91 11.35 16.22 -3.46
C LEU A 91 10.17 15.51 -2.82
N ILE A 92 10.11 14.16 -2.72
CA ILE A 92 8.93 13.50 -2.10
C ILE A 92 8.86 13.93 -0.64
N ARG A 93 10.03 13.95 -0.02
CA ARG A 93 10.20 14.38 1.34
C ARG A 93 9.89 15.86 1.58
N GLU A 94 10.13 16.73 0.60
CA GLU A 94 9.98 18.17 0.71
C GLU A 94 8.52 18.54 0.53
N TYR A 95 7.92 18.01 -0.51
CA TYR A 95 6.53 18.32 -0.83
C TYR A 95 5.49 17.46 -0.12
N ARG A 96 5.94 16.46 0.69
CA ARG A 96 5.16 15.65 1.63
C ARG A 96 4.23 14.58 1.08
N VAL A 97 3.44 14.79 0.01
CA VAL A 97 2.66 13.69 -0.53
C VAL A 97 2.99 13.65 -2.01
N ALA A 98 2.96 12.42 -2.52
CA ALA A 98 3.26 12.11 -3.92
C ALA A 98 2.42 10.84 -4.27
N ILE A 99 2.29 10.61 -5.59
CA ILE A 99 1.58 9.48 -6.09
C ILE A 99 2.33 8.87 -7.27
N LYS A 100 2.41 7.56 -7.39
CA LYS A 100 3.19 6.98 -8.46
C LYS A 100 2.39 5.92 -9.18
N GLY A 101 2.78 5.73 -10.44
CA GLY A 101 2.22 4.70 -11.28
C GLY A 101 3.08 3.46 -11.18
N PRO A 102 2.90 2.41 -11.95
CA PRO A 102 3.72 1.21 -11.87
C PRO A 102 5.22 1.46 -12.15
N LEU A 103 6.19 0.71 -11.60
CA LEU A 103 7.60 0.98 -11.86
C LEU A 103 8.35 -0.23 -12.41
N THR A 104 9.06 -0.15 -13.55
CA THR A 104 9.98 -1.24 -13.95
C THR A 104 11.35 -1.14 -13.23
N THR A 105 11.74 -2.28 -12.64
CA THR A 105 13.06 -2.47 -12.06
C THR A 105 13.81 -3.40 -13.00
N PRO A 106 15.03 -3.10 -13.49
CA PRO A 106 15.73 -3.94 -14.46
C PRO A 106 16.33 -5.25 -13.94
N VAL A 107 16.41 -6.35 -14.70
CA VAL A 107 17.26 -7.42 -14.24
C VAL A 107 18.55 -7.37 -15.06
N GLY A 108 19.58 -7.99 -14.51
CA GLY A 108 20.89 -8.01 -15.12
C GLY A 108 21.80 -6.96 -14.53
N GLY A 109 21.30 -6.03 -13.70
CA GLY A 109 22.12 -4.95 -13.20
C GLY A 109 22.35 -4.84 -11.71
N GLY A 110 22.02 -5.88 -10.93
CA GLY A 110 22.16 -5.87 -9.49
C GLY A 110 21.25 -4.81 -8.86
N ILE A 111 20.07 -4.53 -9.41
CA ILE A 111 19.24 -3.53 -8.80
C ILE A 111 18.03 -4.12 -8.06
N ARG A 112 18.00 -3.70 -6.81
CA ARG A 112 16.90 -4.06 -5.96
C ARG A 112 15.58 -3.28 -6.24
N GLU A 113 14.48 -4.02 -6.22
CA GLU A 113 13.14 -3.55 -6.47
C GLU A 113 12.86 -2.09 -6.24
N LEU A 114 12.60 -1.28 -7.26
CA LEU A 114 12.47 0.15 -7.01
C LEU A 114 11.36 0.63 -6.05
N ASN A 115 10.19 -0.09 -6.09
CA ASN A 115 9.08 0.16 -5.16
C ASN A 115 9.42 0.04 -3.67
N VAL A 116 10.10 -1.09 -3.40
CA VAL A 116 10.57 -1.35 -2.06
C VAL A 116 11.60 -0.31 -1.67
N ALA A 117 12.48 0.06 -2.61
CA ALA A 117 13.57 0.99 -2.34
C ALA A 117 13.07 2.35 -1.92
N LEU A 118 12.01 2.85 -2.55
CA LEU A 118 11.36 4.09 -2.16
C LEU A 118 10.88 4.05 -0.72
N ARG A 119 10.18 2.95 -0.33
CA ARG A 119 9.65 2.72 1.01
C ARG A 119 10.69 2.76 2.09
N GLN A 120 11.80 2.09 1.80
CA GLN A 120 12.88 1.98 2.74
C GLN A 120 13.73 3.24 2.87
N GLU A 121 14.10 3.79 1.73
CA GLU A 121 14.87 5.01 1.61
C GLU A 121 14.17 6.16 2.29
N LEU A 122 12.86 6.27 2.09
CA LEU A 122 12.05 7.31 2.73
C LEU A 122 11.48 6.96 4.08
N ASP A 123 11.75 5.76 4.59
CA ASP A 123 11.18 5.22 5.79
C ASP A 123 9.64 5.33 5.92
N LEU A 124 8.94 4.98 4.85
CA LEU A 124 7.47 4.93 4.85
C LEU A 124 7.09 3.54 5.40
N TYR A 125 6.96 3.43 6.73
CA TYR A 125 6.87 2.15 7.38
C TYR A 125 5.53 1.45 7.42
N ILE A 126 4.46 2.18 7.02
CA ILE A 126 3.12 1.69 6.96
C ILE A 126 2.75 1.49 5.48
N CYS A 127 2.51 0.29 5.00
CA CYS A 127 1.84 0.07 3.73
C CYS A 127 0.38 -0.17 4.14
N LEU A 128 -0.46 0.76 3.70
CA LEU A 128 -1.90 0.82 3.99
C LEU A 128 -2.68 0.39 2.76
N ARG A 129 -3.24 -0.84 2.82
CA ARG A 129 -4.08 -1.33 1.74
C ARG A 129 -5.51 -1.67 2.19
N PRO A 130 -6.44 -0.76 1.85
CA PRO A 130 -7.89 -0.97 2.06
C PRO A 130 -8.49 -1.87 1.01
N VAL A 131 -9.14 -2.98 1.42
CA VAL A 131 -9.92 -3.66 0.44
C VAL A 131 -11.31 -4.03 0.90
N ARG A 132 -12.13 -3.50 0.01
CA ARG A 132 -13.55 -3.61 0.09
C ARG A 132 -14.11 -3.83 -1.28
N TYR A 133 -15.32 -4.38 -1.27
CA TYR A 133 -16.03 -4.73 -2.50
C TYR A 133 -16.81 -3.54 -3.05
N TYR A 134 -16.66 -3.37 -4.35
CA TYR A 134 -17.43 -2.43 -5.13
C TYR A 134 -18.47 -3.26 -5.85
N GLN A 135 -19.69 -2.94 -5.42
CA GLN A 135 -20.93 -3.56 -5.85
C GLN A 135 -21.01 -3.61 -7.35
N GLY A 136 -21.10 -4.84 -7.82
CA GLY A 136 -21.14 -5.02 -9.23
C GLY A 136 -19.85 -5.46 -9.83
N THR A 137 -18.69 -5.45 -9.17
CA THR A 137 -17.51 -5.92 -9.89
C THR A 137 -17.57 -7.46 -9.91
N PRO A 138 -17.19 -8.15 -10.99
CA PRO A 138 -17.16 -9.60 -11.00
C PRO A 138 -16.17 -10.12 -9.94
N SER A 139 -16.66 -11.07 -9.13
CA SER A 139 -15.88 -11.71 -8.09
C SER A 139 -15.84 -13.24 -8.22
N PRO A 140 -14.73 -13.95 -7.91
CA PRO A 140 -14.68 -15.42 -7.99
C PRO A 140 -15.34 -16.14 -6.83
N VAL A 141 -15.74 -15.34 -5.83
CA VAL A 141 -16.34 -15.86 -4.64
C VAL A 141 -17.83 -15.50 -4.57
N LYS A 142 -18.62 -16.29 -3.84
CA LYS A 142 -20.06 -16.10 -3.71
C LYS A 142 -20.46 -14.83 -2.96
N HIS A 143 -19.66 -14.41 -2.00
CA HIS A 143 -20.06 -13.31 -1.15
C HIS A 143 -18.96 -12.30 -0.86
N PRO A 144 -18.42 -11.66 -1.93
CA PRO A 144 -17.39 -10.62 -1.80
C PRO A 144 -17.83 -9.40 -0.99
N GLU A 145 -19.16 -9.17 -0.86
CA GLU A 145 -19.66 -8.04 -0.08
C GLU A 145 -19.31 -8.12 1.40
N LEU A 146 -19.04 -9.36 1.82
CA LEU A 146 -18.62 -9.60 3.19
C LEU A 146 -17.22 -9.06 3.50
N THR A 147 -16.34 -8.77 2.52
CA THR A 147 -14.99 -8.23 2.77
C THR A 147 -14.91 -6.71 2.87
N ASP A 148 -14.51 -6.25 4.05
CA ASP A 148 -14.25 -4.85 4.32
C ASP A 148 -13.16 -4.84 5.42
N MET A 149 -11.96 -4.94 4.89
CA MET A 149 -10.71 -5.00 5.64
C MET A 149 -9.72 -3.87 5.30
N VAL A 150 -8.77 -3.53 6.19
CA VAL A 150 -7.75 -2.48 5.99
C VAL A 150 -6.47 -3.22 6.44
N ILE A 151 -5.45 -3.32 5.57
CA ILE A 151 -4.17 -3.94 5.90
C ILE A 151 -3.13 -2.86 6.25
N PHE A 152 -2.57 -3.06 7.45
CA PHE A 152 -1.41 -2.34 7.95
C PHE A 152 -0.28 -3.36 7.90
N ARG A 153 0.49 -3.25 6.81
CA ARG A 153 1.68 -4.05 6.53
C ARG A 153 2.92 -3.22 6.87
N GLU A 154 3.84 -3.86 7.59
CA GLU A 154 5.07 -3.25 8.04
C GLU A 154 5.99 -3.21 6.82
N ASN A 155 6.52 -2.02 6.53
CA ASN A 155 7.36 -1.89 5.38
C ASN A 155 8.86 -1.88 5.52
N SER A 156 9.42 -1.72 6.72
CA SER A 156 10.84 -1.42 6.86
C SER A 156 11.73 -2.53 7.33
N GLU A 157 11.20 -3.64 7.85
CA GLU A 157 12.01 -4.78 8.25
C GLU A 157 11.50 -6.11 7.70
N ASP A 158 11.75 -7.28 8.36
CA ASP A 158 11.45 -8.61 7.84
C ASP A 158 12.46 -8.98 6.77
N ILE A 159 12.30 -10.13 6.09
CA ILE A 159 13.15 -10.63 5.00
C ILE A 159 13.28 -9.69 3.75
N TYR A 160 12.39 -8.70 3.61
CA TYR A 160 12.36 -7.63 2.59
C TYR A 160 13.49 -6.63 2.69
N ALA A 161 14.16 -6.62 3.85
CA ALA A 161 15.23 -5.68 4.14
C ALA A 161 16.38 -5.87 3.21
N GLY A 162 16.49 -7.09 2.64
CA GLY A 162 17.42 -7.34 1.52
C GLY A 162 18.84 -7.73 1.89
N ILE A 163 18.91 -8.40 3.05
CA ILE A 163 20.16 -8.89 3.65
C ILE A 163 20.29 -10.39 3.35
N GLU A 164 21.03 -10.63 2.28
CA GLU A 164 21.16 -11.97 1.79
C GLU A 164 22.46 -12.17 1.04
N TRP A 165 22.97 -13.39 0.97
CA TRP A 165 24.17 -13.67 0.23
C TRP A 165 24.03 -14.88 -0.66
N LYS A 166 24.66 -14.81 -1.84
CA LYS A 166 24.66 -15.90 -2.80
C LYS A 166 25.29 -17.19 -2.34
N ALA A 167 24.75 -18.31 -2.78
CA ALA A 167 25.35 -19.61 -2.56
C ALA A 167 26.76 -19.65 -3.15
N ASP A 168 27.73 -20.32 -2.52
CA ASP A 168 29.13 -20.37 -2.98
C ASP A 168 29.90 -19.04 -3.05
N SER A 169 29.26 -17.94 -2.67
CA SER A 169 29.93 -16.67 -2.55
C SER A 169 30.80 -16.71 -1.30
N ALA A 170 31.81 -15.85 -1.25
CA ALA A 170 32.69 -15.82 -0.08
C ALA A 170 31.98 -15.34 1.17
N ASP A 171 31.11 -14.34 0.99
CA ASP A 171 30.27 -13.82 2.06
C ASP A 171 29.40 -14.91 2.67
N ALA A 172 28.70 -15.68 1.80
CA ALA A 172 27.83 -16.73 2.29
C ALA A 172 28.67 -17.76 3.03
N GLU A 173 29.85 -18.13 2.43
CA GLU A 173 30.77 -19.08 3.03
C GLU A 173 31.17 -18.63 4.45
N LYS A 174 31.35 -17.32 4.59
CA LYS A 174 31.71 -16.69 5.84
C LYS A 174 30.58 -16.66 6.85
N VAL A 175 29.34 -16.26 6.51
CA VAL A 175 28.32 -16.20 7.54
C VAL A 175 27.88 -17.60 7.96
N ILE A 176 28.00 -18.57 7.05
CA ILE A 176 27.61 -19.93 7.35
C ILE A 176 28.64 -20.53 8.31
N LYS A 177 29.93 -20.15 8.13
CA LYS A 177 31.02 -20.55 9.01
C LYS A 177 30.79 -19.97 10.39
N PHE A 178 30.43 -18.67 10.44
CA PHE A 178 30.11 -18.01 11.70
C PHE A 178 28.96 -18.71 12.40
N LEU A 179 27.94 -19.15 11.64
CA LEU A 179 26.80 -19.79 12.26
C LEU A 179 27.12 -21.14 12.88
N ARG A 180 27.78 -21.99 12.10
CA ARG A 180 28.13 -23.33 12.54
C ARG A 180 29.21 -23.36 13.63
N GLU A 181 30.34 -22.69 13.36
CA GLU A 181 31.42 -22.54 14.31
C GLU A 181 31.15 -21.60 15.45
N GLU A 182 30.94 -20.30 15.24
CA GLU A 182 30.73 -19.43 16.38
C GLU A 182 29.35 -19.52 17.03
N MET A 183 28.25 -19.81 16.29
CA MET A 183 26.95 -19.86 16.97
C MET A 183 26.45 -21.24 17.32
N GLY A 184 27.18 -22.23 16.81
CA GLY A 184 26.90 -23.62 17.05
C GLY A 184 25.61 -24.07 16.39
N VAL A 185 25.35 -23.68 15.12
CA VAL A 185 24.08 -24.04 14.54
C VAL A 185 24.29 -25.33 13.75
N LYS A 186 23.52 -26.32 14.19
CA LYS A 186 23.58 -27.65 13.59
C LYS A 186 22.34 -27.95 12.73
N LYS A 187 21.64 -26.87 12.39
CA LYS A 187 20.35 -26.91 11.74
C LYS A 187 20.26 -26.61 10.23
N ILE A 188 21.37 -26.31 9.52
CA ILE A 188 21.34 -26.08 8.09
C ILE A 188 21.53 -27.42 7.40
N ARG A 189 20.47 -27.98 6.81
CA ARG A 189 20.53 -29.30 6.17
C ARG A 189 21.68 -29.49 5.15
N PHE A 190 21.87 -28.51 4.28
CA PHE A 190 22.93 -28.53 3.30
C PHE A 190 23.68 -27.19 3.37
N PRO A 191 24.80 -27.10 4.18
CA PRO A 191 25.62 -25.90 4.34
C PRO A 191 26.42 -25.53 3.10
N GLU A 192 26.74 -26.48 2.23
CA GLU A 192 27.38 -26.18 0.97
C GLU A 192 26.33 -25.72 -0.01
N HIS A 193 26.74 -25.05 -1.10
CA HIS A 193 25.85 -24.47 -2.14
C HIS A 193 24.52 -23.83 -1.70
N CYS A 194 24.60 -23.10 -0.60
CA CYS A 194 23.48 -22.57 0.07
C CYS A 194 23.44 -21.04 0.16
N GLY A 195 22.36 -20.46 -0.36
CA GLY A 195 22.09 -19.03 -0.23
C GLY A 195 21.55 -18.70 1.17
N ILE A 196 21.83 -17.52 1.75
CA ILE A 196 21.34 -17.19 3.07
C ILE A 196 20.61 -15.85 3.18
N GLY A 197 19.41 -15.82 3.72
CA GLY A 197 18.66 -14.61 3.86
C GLY A 197 18.52 -14.26 5.32
N ILE A 198 18.44 -12.98 5.68
CA ILE A 198 18.32 -12.55 7.05
C ILE A 198 16.96 -11.96 7.30
N LYS A 199 16.24 -12.39 8.36
CA LYS A 199 14.96 -11.80 8.67
C LYS A 199 15.02 -11.08 10.03
N PRO A 200 15.12 -9.75 10.02
CA PRO A 200 15.12 -8.96 11.27
C PRO A 200 13.75 -8.58 11.80
N CYS A 201 13.35 -8.66 13.09
CA CYS A 201 12.09 -8.03 13.53
C CYS A 201 12.36 -7.31 14.83
N SER A 202 12.36 -5.98 14.80
CA SER A 202 12.67 -5.25 16.01
C SER A 202 11.45 -4.90 16.82
N GLU A 203 11.61 -4.46 18.06
CA GLU A 203 10.48 -4.00 18.85
C GLU A 203 10.07 -2.58 18.42
N GLU A 204 10.91 -1.60 18.00
CA GLU A 204 10.34 -0.30 17.62
C GLU A 204 9.59 -0.42 16.32
N GLY A 205 10.15 -1.19 15.40
CA GLY A 205 9.54 -1.52 14.11
C GLY A 205 8.12 -2.11 14.20
N THR A 206 7.84 -3.11 15.07
CA THR A 206 6.48 -3.59 15.12
C THR A 206 5.63 -2.63 15.92
N LYS A 207 6.14 -1.95 16.96
CA LYS A 207 5.28 -1.08 17.74
C LYS A 207 4.83 0.21 17.03
N ARG A 208 5.70 0.81 16.17
CA ARG A 208 5.25 1.97 15.41
C ARG A 208 4.18 1.50 14.43
N LEU A 209 4.25 0.27 13.89
CA LEU A 209 3.19 -0.16 12.99
C LEU A 209 1.87 -0.42 13.70
N VAL A 210 1.88 -1.22 14.79
CA VAL A 210 0.67 -1.59 15.48
C VAL A 210 -0.01 -0.38 16.04
N ARG A 211 0.79 0.59 16.48
CA ARG A 211 0.23 1.81 17.04
C ARG A 211 -0.60 2.55 16.00
N ALA A 212 -0.06 2.61 14.77
CA ALA A 212 -0.77 3.17 13.61
C ALA A 212 -2.08 2.40 13.32
N ALA A 213 -2.05 1.08 13.25
CA ALA A 213 -3.26 0.30 13.07
C ALA A 213 -4.34 0.50 14.15
N ILE A 214 -4.01 0.57 15.46
CA ILE A 214 -5.05 0.70 16.50
C ILE A 214 -5.69 2.10 16.49
N GLU A 215 -4.82 3.04 16.13
CA GLU A 215 -5.22 4.40 16.00
C GLU A 215 -6.19 4.58 14.84
N TYR A 216 -5.88 3.93 13.73
CA TYR A 216 -6.75 3.93 12.58
C TYR A 216 -8.13 3.41 12.98
N ALA A 217 -8.07 2.32 13.77
CA ALA A 217 -9.25 1.65 14.28
C ALA A 217 -10.00 2.61 15.19
N ILE A 218 -9.36 3.44 16.03
CA ILE A 218 -10.14 4.33 16.88
C ILE A 218 -10.76 5.40 16.03
N ALA A 219 -9.91 6.08 15.25
CA ALA A 219 -10.31 7.13 14.34
C ALA A 219 -11.43 6.77 13.38
N ASN A 220 -11.48 5.54 12.86
CA ASN A 220 -12.54 5.19 11.93
C ASN A 220 -13.56 4.24 12.54
N ASP A 221 -13.46 4.20 13.86
CA ASP A 221 -14.11 3.25 14.72
C ASP A 221 -14.63 1.99 14.11
N ARG A 222 -13.56 1.31 13.72
CA ARG A 222 -13.59 -0.05 13.20
C ARG A 222 -13.75 -1.03 14.36
N ASP A 223 -14.08 -2.29 14.14
CA ASP A 223 -14.40 -3.24 15.20
C ASP A 223 -13.27 -3.99 15.86
N SER A 224 -12.16 -4.20 15.13
CA SER A 224 -11.07 -5.03 15.62
C SER A 224 -9.84 -4.84 14.78
N VAL A 225 -8.77 -5.24 15.52
CA VAL A 225 -7.42 -5.28 15.01
C VAL A 225 -6.91 -6.73 15.17
N THR A 226 -6.66 -7.42 14.05
CA THR A 226 -6.06 -8.72 14.07
C THR A 226 -4.57 -8.69 13.72
N LEU A 227 -3.73 -9.14 14.68
CA LEU A 227 -2.30 -9.26 14.42
C LEU A 227 -2.04 -10.58 13.68
N VAL A 228 -1.56 -10.67 12.42
CA VAL A 228 -1.37 -12.02 11.92
C VAL A 228 0.11 -12.28 11.75
N HIS A 229 0.46 -13.55 12.09
CA HIS A 229 1.86 -13.90 12.27
C HIS A 229 2.03 -15.40 12.17
N LYS A 230 3.24 -15.93 11.92
CA LYS A 230 3.53 -17.36 12.01
C LYS A 230 4.51 -17.59 13.22
N GLY A 231 4.14 -17.12 14.41
CA GLY A 231 4.97 -17.11 15.58
C GLY A 231 5.18 -18.47 16.23
N ASN A 232 4.34 -19.47 15.92
CA ASN A 232 4.59 -20.79 16.47
C ASN A 232 5.80 -21.41 15.81
N ILE A 233 6.18 -20.96 14.61
CA ILE A 233 7.38 -21.52 14.02
C ILE A 233 8.56 -20.58 14.18
N MET A 234 8.29 -19.31 13.91
CA MET A 234 9.29 -18.24 14.04
C MET A 234 8.88 -17.42 15.24
N LYS A 235 9.41 -17.97 16.32
CA LYS A 235 9.14 -17.45 17.63
C LYS A 235 9.67 -16.08 18.00
N PHE A 236 10.89 -15.80 17.53
CA PHE A 236 11.59 -14.57 17.88
C PHE A 236 11.46 -13.45 16.88
N THR A 237 10.83 -13.73 15.73
CA THR A 237 10.51 -12.60 14.87
C THR A 237 9.02 -12.44 14.80
N GLU A 238 8.28 -13.37 14.17
CA GLU A 238 6.82 -13.31 14.06
C GLU A 238 6.13 -13.49 15.39
N GLY A 239 6.69 -14.30 16.32
CA GLY A 239 6.05 -14.47 17.63
C GLY A 239 6.28 -13.24 18.48
N ALA A 240 7.47 -12.67 18.28
CA ALA A 240 7.79 -11.44 18.99
C ALA A 240 6.84 -10.31 18.60
N PHE A 241 6.59 -10.22 17.28
CA PHE A 241 5.64 -9.28 16.64
C PHE A 241 4.28 -9.26 17.32
N LYS A 242 3.70 -10.46 17.49
CA LYS A 242 2.43 -10.64 18.19
C LYS A 242 2.45 -10.25 19.66
N ASP A 243 3.54 -10.60 20.36
CA ASP A 243 3.60 -10.24 21.77
C ASP A 243 3.87 -8.75 21.98
N TRP A 244 4.71 -8.08 21.16
CA TRP A 244 4.93 -6.66 21.24
C TRP A 244 3.65 -5.90 20.90
N GLY A 245 2.85 -6.41 19.95
CA GLY A 245 1.54 -5.87 19.57
C GLY A 245 0.51 -5.87 20.71
N TYR A 246 0.41 -6.96 21.50
CA TYR A 246 -0.50 -7.10 22.64
C TYR A 246 -0.11 -6.21 23.80
N GLN A 247 1.22 -6.15 23.95
CA GLN A 247 1.84 -5.34 24.98
C GLN A 247 1.58 -3.88 24.73
N LEU A 248 1.76 -3.42 23.47
CA LEU A 248 1.39 -2.05 23.10
C LEU A 248 -0.09 -1.77 23.30
N ALA A 249 -0.99 -2.69 22.91
CA ALA A 249 -2.40 -2.47 23.19
C ALA A 249 -2.72 -2.35 24.69
N ARG A 250 -2.00 -3.15 25.51
CA ARG A 250 -2.10 -3.10 26.97
C ARG A 250 -1.53 -1.84 27.56
N GLU A 251 -0.31 -1.46 27.17
CA GLU A 251 0.41 -0.32 27.71
C GLU A 251 -0.01 1.05 27.24
N GLU A 252 -0.34 1.21 25.95
CA GLU A 252 -0.70 2.52 25.40
C GLU A 252 -2.20 2.68 25.20
N PHE A 253 -2.96 1.60 25.03
CA PHE A 253 -4.36 1.79 24.68
C PHE A 253 -5.28 1.24 25.72
N GLY A 254 -4.71 0.85 26.86
CA GLY A 254 -5.49 0.42 28.01
C GLY A 254 -6.19 -0.89 27.80
N GLY A 255 -5.52 -1.75 27.05
CA GLY A 255 -6.04 -3.06 26.71
C GLY A 255 -6.26 -3.92 27.95
N GLU A 256 -7.38 -4.63 27.94
CA GLU A 256 -7.82 -5.56 28.97
C GLU A 256 -8.20 -6.92 28.39
N LEU A 257 -7.87 -8.03 29.10
CA LEU A 257 -8.24 -9.39 28.66
C LEU A 257 -9.72 -9.59 28.46
N ILE A 258 -10.17 -10.09 27.31
CA ILE A 258 -11.55 -10.50 27.10
C ILE A 258 -11.35 -11.85 27.74
N ASP A 259 -11.99 -12.01 28.87
CA ASP A 259 -11.42 -12.89 29.86
C ASP A 259 -11.08 -14.34 29.66
N GLY A 260 -9.86 -14.48 30.17
CA GLY A 260 -9.16 -15.73 30.09
C GLY A 260 -7.93 -15.55 29.22
N GLY A 261 -8.06 -14.59 28.30
CA GLY A 261 -7.04 -14.33 27.31
C GLY A 261 -7.15 -15.27 26.12
N PRO A 262 -6.38 -15.05 25.05
CA PRO A 262 -5.41 -14.00 24.89
C PRO A 262 -5.89 -12.66 24.38
N TRP A 263 -7.14 -12.59 23.90
CA TRP A 263 -7.62 -11.38 23.26
C TRP A 263 -7.90 -10.27 24.26
N LEU A 264 -7.71 -9.02 23.73
CA LEU A 264 -7.86 -7.80 24.49
C LEU A 264 -8.97 -6.92 23.96
N LYS A 265 -9.42 -6.00 24.80
CA LYS A 265 -10.47 -5.07 24.51
C LYS A 265 -9.84 -3.72 24.80
N VAL A 266 -10.07 -2.86 23.80
CA VAL A 266 -9.64 -1.48 23.80
C VAL A 266 -10.93 -0.71 23.66
N LYS A 267 -11.19 0.27 24.52
CA LYS A 267 -12.43 1.03 24.41
C LYS A 267 -12.10 2.23 23.53
N ASN A 268 -12.87 2.53 22.45
CA ASN A 268 -12.60 3.68 21.63
C ASN A 268 -13.01 4.89 22.47
N PRO A 269 -12.06 5.75 22.85
CA PRO A 269 -12.32 6.94 23.66
C PRO A 269 -13.35 7.89 23.06
N ASN A 270 -13.61 7.75 21.75
CA ASN A 270 -14.56 8.57 21.04
C ASN A 270 -15.93 7.93 20.94
N THR A 271 -16.09 6.73 20.38
CA THR A 271 -17.42 6.17 20.16
C THR A 271 -17.94 5.35 21.32
N GLY A 272 -17.05 5.09 22.28
CA GLY A 272 -17.41 4.28 23.43
C GLY A 272 -17.31 2.79 23.12
N LYS A 273 -17.40 2.29 21.86
CA LYS A 273 -17.30 0.86 21.56
C LYS A 273 -15.99 0.18 21.95
N GLU A 274 -16.08 -1.16 21.88
CA GLU A 274 -14.90 -1.97 22.11
C GLU A 274 -14.35 -2.67 20.90
N ILE A 275 -13.07 -2.38 20.73
CA ILE A 275 -12.26 -2.96 19.69
C ILE A 275 -11.55 -4.20 20.27
N VAL A 276 -11.77 -5.33 19.64
CA VAL A 276 -11.13 -6.55 20.06
C VAL A 276 -9.76 -6.60 19.34
N ILE A 277 -8.73 -6.86 20.14
CA ILE A 277 -7.38 -7.06 19.65
C ILE A 277 -7.19 -8.59 19.73
N LYS A 278 -6.89 -9.23 18.61
CA LYS A 278 -6.74 -10.69 18.57
C LYS A 278 -5.67 -11.10 17.58
N ASP A 279 -5.28 -12.35 17.52
CA ASP A 279 -4.29 -12.72 16.57
C ASP A 279 -4.72 -14.00 15.90
N VAL A 280 -4.19 -14.36 14.75
CA VAL A 280 -4.42 -15.70 14.22
C VAL A 280 -3.18 -16.10 13.37
N ILE A 281 -2.76 -17.38 13.39
CA ILE A 281 -1.64 -17.92 12.63
C ILE A 281 -1.91 -17.66 11.15
N ALA A 282 -0.85 -17.22 10.45
CA ALA A 282 -1.04 -16.72 9.10
C ALA A 282 -1.60 -17.67 8.05
N ASP A 283 -1.28 -18.96 8.09
CA ASP A 283 -1.83 -19.86 7.09
C ASP A 283 -3.34 -20.15 7.35
N ALA A 284 -3.72 -20.15 8.61
CA ALA A 284 -5.09 -20.35 8.97
C ALA A 284 -5.80 -19.08 8.58
N PHE A 285 -5.14 -17.92 8.65
CA PHE A 285 -5.75 -16.66 8.26
C PHE A 285 -6.12 -16.64 6.77
N LEU A 286 -5.27 -17.22 5.93
CA LEU A 286 -5.52 -17.32 4.51
C LEU A 286 -6.84 -18.05 4.20
N GLN A 287 -7.22 -18.96 5.14
CA GLN A 287 -8.46 -19.74 5.11
C GLN A 287 -9.62 -18.95 5.70
N GLN A 288 -9.38 -18.36 6.86
CA GLN A 288 -10.35 -17.54 7.51
C GLN A 288 -10.81 -16.39 6.64
N ILE A 289 -10.00 -15.73 5.77
CA ILE A 289 -10.53 -14.59 4.99
C ILE A 289 -11.56 -15.01 3.96
N LEU A 290 -11.43 -16.22 3.44
CA LEU A 290 -12.30 -16.83 2.47
C LEU A 290 -13.56 -17.43 3.12
N LEU A 291 -13.42 -18.04 4.30
CA LEU A 291 -14.48 -18.72 5.02
C LEU A 291 -15.23 -17.85 6.00
N ARG A 292 -14.64 -16.80 6.57
CA ARG A 292 -15.35 -15.98 7.54
C ARG A 292 -14.89 -14.54 7.50
N PRO A 293 -14.94 -13.87 6.35
CA PRO A 293 -14.45 -12.52 6.13
C PRO A 293 -15.08 -11.50 7.04
N ALA A 294 -16.36 -11.68 7.42
CA ALA A 294 -17.01 -10.69 8.27
C ALA A 294 -16.43 -10.61 9.69
N GLU A 295 -15.67 -11.60 10.07
CA GLU A 295 -15.01 -11.61 11.36
C GLU A 295 -13.80 -10.66 11.50
N TYR A 296 -13.28 -10.12 10.37
CA TYR A 296 -12.04 -9.40 10.35
C TYR A 296 -12.20 -8.00 9.77
N ASP A 297 -11.41 -7.08 10.26
CA ASP A 297 -11.59 -5.69 9.97
C ASP A 297 -10.21 -5.07 9.71
N VAL A 298 -9.55 -4.50 10.74
CA VAL A 298 -8.21 -3.97 10.60
C VAL A 298 -7.23 -5.09 10.85
N ILE A 299 -6.21 -5.19 10.01
CA ILE A 299 -5.24 -6.27 10.08
C ILE A 299 -3.84 -5.71 10.25
N ALA A 300 -3.05 -6.15 11.24
CA ALA A 300 -1.65 -5.69 11.35
C ALA A 300 -0.70 -6.88 11.20
N CYS A 301 0.31 -6.77 10.33
CA CYS A 301 1.26 -7.81 10.03
C CYS A 301 2.55 -7.24 9.41
N MET A 302 3.56 -8.13 9.43
CA MET A 302 4.91 -7.92 8.94
C MET A 302 4.86 -7.88 7.42
N ASN A 303 6.03 -7.60 6.85
CA ASN A 303 6.16 -7.35 5.44
C ASN A 303 5.79 -8.44 4.49
N LEU A 304 6.37 -9.64 4.61
CA LEU A 304 6.00 -10.71 3.70
C LEU A 304 4.53 -11.10 3.86
N ASN A 305 4.00 -11.15 5.10
CA ASN A 305 2.62 -11.58 5.30
C ASN A 305 1.64 -10.61 4.70
N GLY A 306 1.92 -9.34 4.98
CA GLY A 306 1.19 -8.23 4.42
C GLY A 306 1.19 -8.27 2.90
N ASP A 307 2.32 -8.63 2.28
CA ASP A 307 2.39 -8.79 0.84
C ASP A 307 1.33 -9.77 0.28
N TYR A 308 1.33 -10.96 0.92
CA TYR A 308 0.47 -12.07 0.54
C TYR A 308 -1.01 -11.85 0.80
N ILE A 309 -1.32 -11.35 2.01
CA ILE A 309 -2.67 -11.08 2.49
C ILE A 309 -3.37 -10.10 1.54
N SER A 310 -2.74 -8.94 1.27
CA SER A 310 -3.41 -7.98 0.41
C SER A 310 -3.65 -8.42 -1.02
N ASP A 311 -2.74 -9.24 -1.54
CA ASP A 311 -2.94 -9.77 -2.86
C ASP A 311 -4.07 -10.73 -2.94
N ALA A 312 -4.13 -11.72 -2.00
CA ALA A 312 -5.22 -12.69 -1.89
C ALA A 312 -6.56 -12.00 -1.67
N LEU A 313 -6.67 -11.04 -0.74
CA LEU A 313 -7.93 -10.33 -0.49
C LEU A 313 -8.42 -9.52 -1.70
N ALA A 314 -7.48 -8.85 -2.45
CA ALA A 314 -7.85 -8.02 -3.62
C ALA A 314 -8.35 -8.94 -4.71
N ALA A 315 -7.85 -10.16 -4.79
CA ALA A 315 -8.36 -11.07 -5.79
C ALA A 315 -9.74 -11.60 -5.43
N GLN A 316 -10.03 -11.75 -4.14
CA GLN A 316 -11.31 -12.33 -3.82
C GLN A 316 -12.46 -11.32 -4.01
N VAL A 317 -12.21 -10.00 -3.84
CA VAL A 317 -13.25 -9.00 -4.11
C VAL A 317 -13.23 -8.58 -5.59
N GLY A 318 -12.52 -9.31 -6.42
CA GLY A 318 -12.49 -8.94 -7.81
C GLY A 318 -11.77 -7.62 -8.07
N GLY A 319 -10.91 -7.13 -7.19
CA GLY A 319 -10.23 -5.89 -7.41
C GLY A 319 -8.74 -6.05 -7.63
N ILE A 320 -8.19 -7.05 -8.35
CA ILE A 320 -6.75 -7.05 -8.57
C ILE A 320 -6.28 -5.86 -9.41
N GLY A 321 -7.16 -5.14 -10.14
CA GLY A 321 -6.76 -3.98 -10.93
C GLY A 321 -7.31 -2.68 -10.34
N ILE A 322 -8.16 -2.72 -9.31
CA ILE A 322 -8.61 -1.48 -8.70
C ILE A 322 -8.26 -1.32 -7.20
N ALA A 323 -7.19 -1.98 -6.79
CA ALA A 323 -6.69 -1.97 -5.41
C ALA A 323 -5.76 -0.81 -5.14
N PRO A 324 -6.19 0.11 -4.27
CA PRO A 324 -5.44 1.24 -3.79
C PRO A 324 -4.29 0.93 -2.79
N GLY A 325 -3.31 1.81 -2.74
CA GLY A 325 -2.22 1.63 -1.81
C GLY A 325 -1.55 2.91 -1.33
N ALA A 326 -1.17 2.96 -0.03
CA ALA A 326 -0.39 4.07 0.49
C ALA A 326 0.81 3.48 1.26
N ASN A 327 1.93 4.21 1.19
CA ASN A 327 3.13 3.96 1.99
C ASN A 327 3.31 5.24 2.79
N ILE A 328 3.06 5.18 4.10
CA ILE A 328 3.10 6.33 4.99
C ILE A 328 4.22 6.18 6.02
N GLY A 329 5.01 7.24 6.02
CA GLY A 329 5.98 7.47 7.07
C GLY A 329 5.56 8.69 7.90
N ASP A 330 6.46 9.12 8.79
CA ASP A 330 6.21 10.24 9.67
C ASP A 330 6.47 11.57 8.98
N GLU A 331 7.27 11.55 7.90
CA GLU A 331 7.59 12.78 7.21
C GLU A 331 6.96 12.94 5.83
N CYS A 332 6.55 11.85 5.18
CA CYS A 332 5.88 11.95 3.89
C CYS A 332 5.06 10.69 3.55
N ALA A 333 4.30 10.71 2.45
CA ALA A 333 3.43 9.61 2.11
C ALA A 333 3.46 9.51 0.61
N LEU A 334 3.39 8.26 0.13
CA LEU A 334 3.46 7.95 -1.28
C LEU A 334 2.34 6.99 -1.63
N PHE A 335 1.38 7.51 -2.40
CA PHE A 335 0.21 6.77 -2.86
C PHE A 335 0.53 6.06 -4.15
N GLU A 336 0.05 4.84 -4.43
CA GLU A 336 0.52 4.18 -5.64
C GLU A 336 -0.41 3.16 -6.32
N ALA A 337 -0.27 3.02 -7.63
CA ALA A 337 -0.89 1.90 -8.33
C ALA A 337 -0.24 0.63 -7.75
N THR A 338 -1.03 -0.41 -7.47
CA THR A 338 -0.47 -1.61 -6.82
C THR A 338 -0.28 -2.75 -7.80
N HIS A 339 -0.61 -2.51 -9.06
CA HIS A 339 -0.42 -3.50 -10.10
C HIS A 339 0.93 -3.31 -10.79
N GLY A 340 1.28 -4.13 -11.77
CA GLY A 340 2.55 -3.98 -12.42
C GLY A 340 2.51 -3.10 -13.64
N THR A 341 3.56 -3.17 -14.49
CA THR A 341 3.64 -2.24 -15.60
C THR A 341 2.97 -2.70 -16.89
N ALA A 342 2.61 -3.97 -16.93
CA ALA A 342 1.88 -4.61 -18.05
C ALA A 342 2.29 -4.12 -19.42
N PRO A 343 3.56 -4.32 -19.81
CA PRO A 343 4.15 -3.76 -21.03
C PRO A 343 3.45 -4.10 -22.31
N LYS A 344 2.81 -5.27 -22.42
CA LYS A 344 2.10 -5.66 -23.63
C LYS A 344 0.94 -4.75 -23.94
N TYR A 345 0.37 -4.17 -22.90
CA TYR A 345 -0.77 -3.31 -23.08
C TYR A 345 -0.41 -1.84 -23.10
N ALA A 346 0.82 -1.43 -22.75
CA ALA A 346 1.14 -0.01 -22.69
C ALA A 346 0.95 0.83 -23.93
N GLY A 347 0.18 1.92 -23.75
CA GLY A 347 -0.13 2.82 -24.85
C GLY A 347 -1.43 2.47 -25.57
N GLN A 348 -2.00 1.30 -25.30
CA GLN A 348 -3.23 0.94 -25.98
C GLN A 348 -4.42 1.62 -25.37
N ASP A 349 -4.23 2.45 -24.34
CA ASP A 349 -5.33 3.02 -23.59
C ASP A 349 -6.39 1.97 -23.21
N LYS A 350 -6.04 0.76 -22.75
CA LYS A 350 -7.05 -0.22 -22.44
C LYS A 350 -7.14 -0.66 -21.03
N VAL A 351 -6.05 -0.65 -20.27
CA VAL A 351 -6.08 -1.16 -18.89
C VAL A 351 -6.92 -0.28 -17.97
N ASN A 352 -7.31 -0.91 -16.86
CA ASN A 352 -8.07 -0.27 -15.79
C ASN A 352 -7.28 0.81 -15.01
N PRO A 353 -7.59 2.09 -15.09
CA PRO A 353 -7.02 3.17 -14.26
C PRO A 353 -7.44 3.15 -12.77
N GLY A 354 -8.36 2.20 -12.45
CA GLY A 354 -8.99 2.03 -11.16
C GLY A 354 -8.13 2.10 -9.90
N SER A 355 -7.04 1.35 -9.90
CA SER A 355 -6.15 1.34 -8.79
C SER A 355 -5.49 2.67 -8.41
N ILE A 356 -4.92 3.32 -9.46
CA ILE A 356 -4.24 4.56 -9.18
C ILE A 356 -5.25 5.65 -8.87
N ILE A 357 -6.47 5.54 -9.39
CA ILE A 357 -7.49 6.51 -9.04
C ILE A 357 -7.96 6.36 -7.60
N LEU A 358 -8.15 5.14 -7.11
CA LEU A 358 -8.47 4.95 -5.71
C LEU A 358 -7.29 5.24 -4.77
N SER A 359 -6.04 5.15 -5.24
CA SER A 359 -4.91 5.63 -4.46
C SER A 359 -4.90 7.16 -4.39
N ALA A 360 -5.42 7.79 -5.48
CA ALA A 360 -5.58 9.21 -5.50
C ALA A 360 -6.67 9.62 -4.53
N GLU A 361 -7.78 8.89 -4.43
CA GLU A 361 -8.73 9.26 -3.38
C GLU A 361 -8.15 9.10 -1.97
N MET A 362 -7.32 8.07 -1.67
CA MET A 362 -6.66 7.92 -0.36
C MET A 362 -5.77 9.12 -0.05
N MET A 363 -5.08 9.62 -1.09
CA MET A 363 -4.25 10.80 -1.02
C MET A 363 -5.07 12.03 -0.71
N LEU A 364 -6.16 12.26 -1.46
CA LEU A 364 -7.07 13.36 -1.16
C LEU A 364 -7.64 13.38 0.24
N ARG A 365 -7.96 12.17 0.71
CA ARG A 365 -8.51 11.95 2.04
C ARG A 365 -7.48 12.29 3.13
N HIS A 366 -6.21 11.88 2.87
CA HIS A 366 -5.02 12.20 3.65
C HIS A 366 -4.69 13.69 3.75
N MET A 367 -4.95 14.46 2.68
CA MET A 367 -4.82 15.93 2.64
C MET A 367 -5.92 16.71 3.34
N GLY A 368 -6.95 15.96 3.73
CA GLY A 368 -8.16 16.45 4.37
C GLY A 368 -9.17 16.94 3.34
N TRP A 369 -8.97 16.63 2.07
CA TRP A 369 -9.87 17.09 1.05
C TRP A 369 -10.87 16.00 0.72
N THR A 370 -11.54 15.68 1.82
CA THR A 370 -12.58 14.70 1.94
C THR A 370 -13.72 14.65 0.95
N GLU A 371 -14.22 15.81 0.50
CA GLU A 371 -15.35 15.89 -0.39
C GLU A 371 -14.95 15.46 -1.80
N ALA A 372 -13.74 15.91 -2.23
CA ALA A 372 -13.18 15.51 -3.53
C ALA A 372 -13.01 14.00 -3.52
N ALA A 373 -12.50 13.45 -2.37
CA ALA A 373 -12.27 12.02 -2.23
C ALA A 373 -13.59 11.25 -2.24
N ASP A 374 -14.67 11.82 -1.68
CA ASP A 374 -15.98 11.18 -1.69
C ASP A 374 -16.64 11.13 -3.05
N LEU A 375 -16.37 12.18 -3.82
CA LEU A 375 -16.83 12.29 -5.18
C LEU A 375 -16.21 11.19 -6.04
N ILE A 376 -14.92 10.84 -5.85
CA ILE A 376 -14.27 9.77 -6.61
C ILE A 376 -14.85 8.43 -6.25
N VAL A 377 -15.16 8.10 -4.97
CA VAL A 377 -15.66 6.76 -4.76
C VAL A 377 -17.12 6.71 -5.21
N LYS A 378 -17.81 7.86 -5.19
CA LYS A 378 -19.12 8.02 -5.81
C LYS A 378 -19.09 7.75 -7.32
N GLY A 379 -18.14 8.36 -8.01
CA GLY A 379 -17.99 8.21 -9.44
C GLY A 379 -17.75 6.77 -9.85
N MET A 380 -16.86 6.11 -9.10
CA MET A 380 -16.41 4.73 -9.26
C MET A 380 -17.53 3.73 -9.09
N GLU A 381 -18.24 3.84 -7.96
CA GLU A 381 -19.45 3.05 -7.75
C GLU A 381 -20.45 3.23 -8.90
N GLY A 382 -20.63 4.48 -9.33
CA GLY A 382 -21.52 4.82 -10.40
C GLY A 382 -21.12 4.15 -11.68
N ALA A 383 -19.86 4.29 -12.11
CA ALA A 383 -19.42 3.68 -13.36
C ALA A 383 -19.45 2.16 -13.31
N ILE A 384 -19.06 1.53 -12.18
CA ILE A 384 -19.09 0.08 -12.09
C ILE A 384 -20.54 -0.41 -12.14
N ASN A 385 -21.42 0.27 -11.44
CA ASN A 385 -22.81 -0.13 -11.44
C ASN A 385 -23.45 0.10 -12.80
N ALA A 386 -23.04 1.11 -13.59
CA ALA A 386 -23.57 1.40 -14.88
C ALA A 386 -23.17 0.31 -15.85
N LYS A 387 -22.25 -0.57 -15.44
CA LYS A 387 -21.61 -1.62 -16.24
C LYS A 387 -20.89 -1.01 -17.41
N THR A 388 -20.37 0.20 -17.17
CA THR A 388 -19.59 0.99 -18.11
C THR A 388 -18.14 0.91 -17.65
N VAL A 389 -17.53 -0.07 -18.30
CA VAL A 389 -16.36 -0.70 -17.75
C VAL A 389 -15.23 -1.02 -18.72
N THR A 390 -14.05 -1.29 -18.21
CA THR A 390 -12.85 -1.48 -19.04
C THR A 390 -12.64 -2.96 -19.40
N TYR A 391 -11.73 -3.42 -20.29
CA TYR A 391 -11.85 -4.79 -20.79
C TYR A 391 -11.81 -5.93 -19.79
N ASP A 392 -11.00 -5.75 -18.76
CA ASP A 392 -10.79 -6.69 -17.68
C ASP A 392 -12.03 -6.97 -16.87
N PHE A 393 -12.95 -6.00 -16.73
CA PHE A 393 -14.22 -6.27 -16.07
C PHE A 393 -15.27 -6.76 -17.08
N GLU A 394 -15.20 -6.29 -18.33
CA GLU A 394 -16.20 -6.65 -19.30
C GLU A 394 -16.16 -8.12 -19.71
N ARG A 395 -14.97 -8.74 -19.76
CA ARG A 395 -14.82 -10.17 -20.06
C ARG A 395 -15.64 -11.09 -19.17
N LEU A 396 -15.80 -10.63 -17.93
CA LEU A 396 -16.45 -11.35 -16.87
C LEU A 396 -17.88 -10.93 -16.61
N MET A 397 -18.36 -9.92 -17.35
CA MET A 397 -19.71 -9.41 -17.13
C MET A 397 -20.55 -9.66 -18.36
N ASP A 398 -21.85 -9.93 -18.16
CA ASP A 398 -22.79 -9.95 -19.26
C ASP A 398 -23.61 -8.67 -19.21
N GLY A 399 -23.66 -7.97 -20.34
CA GLY A 399 -24.47 -6.75 -20.42
C GLY A 399 -23.67 -5.46 -20.33
N ALA A 400 -22.35 -5.57 -20.18
CA ALA A 400 -21.46 -4.43 -20.07
C ALA A 400 -20.99 -3.74 -21.35
N LYS A 401 -20.88 -2.42 -21.19
CA LYS A 401 -20.35 -1.57 -22.24
C LYS A 401 -18.84 -1.41 -22.07
N LEU A 402 -18.07 -1.81 -23.11
CA LEU A 402 -16.62 -1.68 -23.12
C LEU A 402 -16.07 -0.30 -23.47
N LEU A 403 -15.39 0.25 -22.46
CA LEU A 403 -14.74 1.55 -22.46
C LEU A 403 -13.21 1.40 -22.40
N LYS A 404 -12.53 2.33 -23.07
CA LYS A 404 -11.09 2.46 -22.99
C LYS A 404 -10.72 3.01 -21.63
N CYS A 405 -9.42 3.05 -21.31
CA CYS A 405 -8.90 3.58 -20.06
C CYS A 405 -9.30 5.04 -19.77
N SER A 406 -9.05 5.87 -20.76
CA SER A 406 -9.40 7.28 -20.69
C SER A 406 -10.91 7.49 -20.58
N GLU A 407 -11.68 6.66 -21.30
CA GLU A 407 -13.13 6.77 -21.26
C GLU A 407 -13.66 6.36 -19.90
N PHE A 408 -13.05 5.32 -19.25
CA PHE A 408 -13.46 4.93 -17.92
C PHE A 408 -13.23 6.07 -16.91
N GLY A 409 -12.18 6.87 -17.21
CA GLY A 409 -11.94 8.11 -16.48
C GLY A 409 -13.15 9.04 -16.55
N ASP A 410 -13.61 9.33 -17.79
CA ASP A 410 -14.79 10.16 -18.06
C ASP A 410 -16.07 9.61 -17.51
N ALA A 411 -16.19 8.29 -17.53
CA ALA A 411 -17.31 7.62 -16.91
C ALA A 411 -17.30 7.86 -15.41
N ILE A 412 -16.15 7.93 -14.71
CA ILE A 412 -16.11 8.30 -13.29
C ILE A 412 -16.57 9.75 -13.07
N ILE A 413 -16.11 10.68 -13.93
CA ILE A 413 -16.53 12.08 -13.86
C ILE A 413 -18.01 12.21 -14.12
N GLU A 414 -18.63 11.57 -15.13
CA GLU A 414 -20.09 11.49 -15.27
C GLU A 414 -20.89 11.02 -14.04
N ASN A 415 -20.43 9.98 -13.34
CA ASN A 415 -21.10 9.51 -12.17
C ASN A 415 -20.86 10.24 -10.86
N MET A 416 -20.15 11.36 -10.90
CA MET A 416 -19.84 12.15 -9.72
C MET A 416 -20.97 13.03 -9.23
MG MG B . 2.73 -7.71 -3.52
C1 ICT C . 3.93 -4.94 -3.60
O1 ICT C . 3.90 -3.73 -3.67
O2 ICT C . 3.34 -5.52 -2.69
C2 ICT C . 4.66 -5.74 -4.66
O7 ICT C . 4.34 -7.14 -4.64
C3 ICT C . 6.15 -5.62 -4.37
C4 ICT C . 7.03 -6.16 -5.52
C5 ICT C . 6.87 -5.25 -6.75
O3 ICT C . 6.85 -5.75 -7.88
O4 ICT C . 6.79 -4.02 -6.53
C6 ICT C . 6.50 -6.18 -2.99
O5 ICT C . 6.50 -5.42 -2.03
O6 ICT C . 6.74 -7.36 -2.92
#